data_5L03
#
_entry.id   5L03
#
_cell.length_a   116.515
_cell.length_b   68.126
_cell.length_c   60.659
_cell.angle_alpha   90.000
_cell.angle_beta   96.930
_cell.angle_gamma   90.000
#
_symmetry.space_group_name_H-M   'C 1 2 1'
#
loop_
_entity.id
_entity.type
_entity.pdbx_description
1 polymer '2-C-methyl-D-erythritol 2,4-cyclodiphosphate synthase'
2 non-polymer 'ZINC ION'
3 non-polymer N-hydroxy-L-tryptophanamide
4 water water
#
_entity_poly.entity_id   1
_entity_poly.type   'polypeptide(L)'
_entity_poly.pdbx_seq_one_letter_code
;MDFRIGQGYDVHQLVPGRPLIIGGVTIPYERGLLGHSDADVLLHAITDALFGAAALGDIGRHFSDTDPRFKGADSRALLR
ECASRVAQAGFAIRNVDSTIIAQAPKLAPHIDAMRANIAADLDLPLDRVNVKAKTNEKLGYLGRGEGIEAQAAALVVR
;
_entity_poly.pdbx_strand_id   A,B,C
#
loop_
_chem_comp.id
_chem_comp.type
_chem_comp.name
_chem_comp.formula
6ZB non-polymer N-hydroxy-L-tryptophanamide 'C11 H13 N3 O2'
ZN non-polymer 'ZINC ION' 'Zn 2'
#
# COMPACT_ATOMS: atom_id res chain seq x y z
N MET A 1 -18.15 -8.83 -13.90
CA MET A 1 -18.12 -7.76 -12.91
C MET A 1 -17.58 -8.25 -11.55
N ASP A 2 -16.94 -9.41 -11.55
CA ASP A 2 -16.38 -9.98 -10.32
C ASP A 2 -14.94 -9.49 -10.17
N PHE A 3 -14.83 -8.22 -9.79
CA PHE A 3 -13.54 -7.56 -9.62
C PHE A 3 -12.95 -7.89 -8.26
N ARG A 4 -11.61 -7.91 -8.20
CA ARG A 4 -10.88 -8.10 -6.96
C ARG A 4 -9.63 -7.24 -6.98
N ILE A 5 -9.23 -6.78 -5.79
CA ILE A 5 -8.01 -5.98 -5.65
C ILE A 5 -6.96 -6.70 -4.83
N GLY A 6 -5.69 -6.44 -5.16
CA GLY A 6 -4.59 -6.96 -4.39
C GLY A 6 -3.57 -5.86 -4.14
N GLN A 7 -2.77 -6.06 -3.10
CA GLN A 7 -1.72 -5.11 -2.74
C GLN A 7 -0.45 -5.86 -2.39
N GLY A 8 0.69 -5.23 -2.64
CA GLY A 8 1.97 -5.88 -2.41
C GLY A 8 3.01 -4.94 -1.85
N TYR A 9 3.96 -5.53 -1.13
CA TYR A 9 5.06 -4.83 -0.51
C TYR A 9 6.31 -5.69 -0.61
N ASP A 10 7.44 -5.09 -0.93
CA ASP A 10 8.70 -5.80 -0.79
C ASP A 10 9.81 -4.81 -0.45
N VAL A 11 10.85 -5.34 0.18
CA VAL A 11 12.03 -4.56 0.49
C VAL A 11 13.23 -5.51 0.42
N HIS A 12 14.36 -4.99 -0.05
CA HIS A 12 15.60 -5.75 -0.02
C HIS A 12 16.74 -4.82 0.35
N GLN A 13 17.75 -5.39 1.00
CA GLN A 13 18.94 -4.64 1.35
C GLN A 13 19.74 -4.36 0.09
N LEU A 14 20.40 -3.22 0.09
CA LEU A 14 21.25 -2.79 -1.00
C LEU A 14 22.69 -2.96 -0.53
N VAL A 15 23.44 -3.86 -1.19
CA VAL A 15 24.74 -4.30 -0.72
C VAL A 15 25.71 -4.33 -1.89
N PRO A 16 27.01 -4.22 -1.61
CA PRO A 16 28.00 -4.37 -2.69
C PRO A 16 28.05 -5.79 -3.23
N GLY A 17 28.42 -5.90 -4.50
CA GLY A 17 28.70 -7.19 -5.09
C GLY A 17 27.50 -7.90 -5.69
N ARG A 18 26.37 -7.22 -5.83
CA ARG A 18 25.16 -7.81 -6.39
C ARG A 18 24.72 -7.00 -7.62
N PRO A 19 24.10 -7.64 -8.60
CA PRO A 19 23.46 -6.86 -9.67
C PRO A 19 22.28 -6.08 -9.11
N LEU A 20 22.03 -4.90 -9.68
CA LEU A 20 20.87 -4.11 -9.30
C LEU A 20 19.85 -4.32 -10.40
N ILE A 21 18.82 -5.13 -10.12
CA ILE A 21 17.79 -5.46 -11.10
C ILE A 21 16.46 -5.03 -10.52
N ILE A 22 15.82 -4.04 -11.14
CA ILE A 22 14.52 -3.53 -10.69
C ILE A 22 13.59 -3.46 -11.88
N GLY A 23 12.40 -4.05 -11.75
CA GLY A 23 11.49 -4.08 -12.89
C GLY A 23 12.06 -4.78 -14.09
N GLY A 24 12.92 -5.78 -13.86
CA GLY A 24 13.58 -6.49 -14.94
C GLY A 24 14.73 -5.75 -15.60
N VAL A 25 15.04 -4.53 -15.15
CA VAL A 25 16.10 -3.72 -15.77
C VAL A 25 17.37 -3.87 -14.97
N THR A 26 18.46 -4.26 -15.63
CA THR A 26 19.76 -4.28 -14.98
C THR A 26 20.30 -2.86 -15.03
N ILE A 27 20.40 -2.22 -13.86
CA ILE A 27 20.80 -0.82 -13.74
C ILE A 27 22.25 -0.78 -13.30
N PRO A 28 23.12 -0.06 -14.01
CA PRO A 28 24.53 0.02 -13.57
C PRO A 28 24.61 0.77 -12.26
N TYR A 29 25.24 0.13 -11.27
CA TYR A 29 25.35 0.71 -9.95
C TYR A 29 26.35 -0.10 -9.14
N GLU A 30 27.00 0.57 -8.18
CA GLU A 30 28.03 -0.07 -7.36
C GLU A 30 27.45 -1.13 -6.43
N ARG A 31 26.17 -1.03 -6.10
CA ARG A 31 25.52 -1.98 -5.21
C ARG A 31 24.33 -2.60 -5.93
N GLY A 32 23.79 -3.66 -5.34
CA GLY A 32 22.62 -4.34 -5.86
C GLY A 32 21.80 -4.89 -4.72
N LEU A 33 20.67 -5.47 -5.08
CA LEU A 33 19.75 -5.97 -4.06
C LEU A 33 20.09 -7.41 -3.68
N LEU A 34 20.03 -7.69 -2.38
CA LEU A 34 20.43 -8.97 -1.82
C LEU A 34 19.21 -9.87 -1.67
N GLY A 35 19.29 -11.06 -2.24
CA GLY A 35 18.22 -12.03 -2.09
C GLY A 35 18.67 -13.37 -2.62
N HIS A 36 17.84 -14.39 -2.39
CA HIS A 36 18.09 -15.70 -2.98
C HIS A 36 17.90 -15.65 -4.49
N SER A 37 16.78 -15.09 -4.93
CA SER A 37 16.54 -14.82 -6.35
C SER A 37 17.39 -13.63 -6.79
N ASP A 38 17.07 -13.08 -7.97
CA ASP A 38 17.72 -11.84 -8.38
C ASP A 38 17.31 -10.63 -7.55
N ALA A 39 16.39 -10.81 -6.60
CA ALA A 39 16.02 -9.79 -5.62
C ALA A 39 15.33 -8.58 -6.24
N ASP A 40 14.59 -8.79 -7.33
CA ASP A 40 13.87 -7.71 -8.00
C ASP A 40 12.66 -7.27 -7.17
N VAL A 41 12.88 -6.25 -6.36
CA VAL A 41 11.91 -5.82 -5.35
C VAL A 41 10.60 -5.38 -6.00
N LEU A 42 10.69 -4.72 -7.15
CA LEU A 42 9.47 -4.23 -7.79
C LEU A 42 8.65 -5.39 -8.32
N LEU A 43 9.29 -6.33 -9.01
CA LEU A 43 8.53 -7.46 -9.55
C LEU A 43 7.94 -8.30 -8.44
N HIS A 44 8.65 -8.44 -7.32
CA HIS A 44 8.10 -9.22 -6.21
C HIS A 44 6.87 -8.56 -5.62
N ALA A 45 6.89 -7.23 -5.45
CA ALA A 45 5.71 -6.56 -4.92
C ALA A 45 4.53 -6.73 -5.87
N ILE A 46 4.76 -6.61 -7.18
CA ILE A 46 3.67 -6.81 -8.13
C ILE A 46 3.16 -8.25 -8.09
N THR A 47 4.09 -9.22 -8.02
CA THR A 47 3.72 -10.62 -7.93
C THR A 47 2.82 -10.86 -6.71
N ASP A 48 3.21 -10.31 -5.55
CA ASP A 48 2.39 -10.45 -4.35
C ASP A 48 1.01 -9.82 -4.52
N ALA A 49 0.93 -8.65 -5.16
CA ALA A 49 -0.38 -8.04 -5.36
C ALA A 49 -1.26 -8.90 -6.25
N LEU A 50 -0.66 -9.55 -7.25
CA LEU A 50 -1.45 -10.40 -8.14
C LEU A 50 -1.94 -11.66 -7.43
N PHE A 51 -1.07 -12.36 -6.72
CA PHE A 51 -1.51 -13.52 -5.93
C PHE A 51 -2.56 -13.09 -4.92
N GLY A 52 -2.41 -11.90 -4.35
CA GLY A 52 -3.35 -11.45 -3.33
C GLY A 52 -4.72 -11.14 -3.90
N ALA A 53 -4.77 -10.48 -5.06
CA ALA A 53 -6.06 -10.21 -5.70
C ALA A 53 -6.79 -11.49 -6.04
N ALA A 54 -6.06 -12.55 -6.40
CA ALA A 54 -6.65 -13.84 -6.75
C ALA A 54 -6.89 -14.75 -5.54
N ALA A 55 -6.56 -14.28 -4.32
CA ALA A 55 -6.68 -15.07 -3.09
C ALA A 55 -5.86 -16.37 -3.18
N LEU A 56 -4.67 -16.27 -3.75
CA LEU A 56 -3.79 -17.43 -3.94
C LEU A 56 -2.62 -17.44 -2.97
N GLY A 57 -2.69 -16.67 -1.89
CA GLY A 57 -1.62 -16.66 -0.91
C GLY A 57 -0.60 -15.60 -1.24
N ASP A 58 0.68 -15.99 -1.30
CA ASP A 58 1.74 -15.02 -1.48
C ASP A 58 2.91 -15.63 -2.24
N ILE A 59 3.89 -14.77 -2.56
CA ILE A 59 5.00 -15.19 -3.40
C ILE A 59 5.83 -16.28 -2.72
N GLY A 60 5.96 -16.21 -1.39
CA GLY A 60 6.71 -17.22 -0.66
C GLY A 60 6.05 -18.58 -0.69
N ARG A 61 4.71 -18.62 -0.71
CA ARG A 61 4.01 -19.89 -0.82
C ARG A 61 4.23 -20.51 -2.19
N HIS A 62 4.33 -19.69 -3.23
CA HIS A 62 4.39 -20.19 -4.60
C HIS A 62 5.78 -20.54 -5.09
N PHE A 63 6.81 -19.85 -4.60
CA PHE A 63 8.18 -20.08 -5.03
C PHE A 63 9.03 -20.17 -3.77
N SER A 64 9.70 -21.31 -3.57
CA SER A 64 10.48 -21.53 -2.35
C SER A 64 11.79 -20.75 -2.40
N ASP A 65 12.01 -19.89 -1.41
CA ASP A 65 13.23 -19.09 -1.34
C ASP A 65 14.46 -19.88 -0.87
N THR A 66 14.34 -21.19 -0.70
CA THR A 66 15.49 -22.05 -0.41
C THR A 66 15.70 -23.14 -1.46
N ASP A 67 14.83 -23.23 -2.46
CA ASP A 67 15.02 -24.19 -3.54
C ASP A 67 16.21 -23.74 -4.38
N PRO A 68 17.22 -24.59 -4.58
CA PRO A 68 18.35 -24.19 -5.43
C PRO A 68 17.95 -23.82 -6.85
N ARG A 69 16.80 -24.29 -7.33
CA ARG A 69 16.34 -23.93 -8.66
C ARG A 69 15.94 -22.46 -8.76
N PHE A 70 15.79 -21.76 -7.64
CA PHE A 70 15.48 -20.33 -7.65
C PHE A 70 16.68 -19.46 -7.25
N LYS A 71 17.84 -20.06 -7.05
CA LYS A 71 19.04 -19.26 -6.76
C LYS A 71 19.36 -18.41 -7.98
N GLY A 72 19.34 -17.09 -7.80
CA GLY A 72 19.54 -16.18 -8.91
C GLY A 72 18.40 -16.13 -9.88
N ALA A 73 17.22 -16.63 -9.50
CA ALA A 73 16.10 -16.74 -10.41
C ALA A 73 15.74 -15.40 -11.05
N ASP A 74 15.43 -15.45 -12.34
CA ASP A 74 14.90 -14.31 -13.07
C ASP A 74 13.49 -14.03 -12.58
N SER A 75 13.31 -12.88 -11.93
CA SER A 75 12.00 -12.56 -11.36
C SER A 75 10.96 -12.23 -12.42
N ARG A 76 11.37 -11.96 -13.67
CA ARG A 76 10.39 -11.84 -14.75
C ARG A 76 9.76 -13.18 -15.06
N ALA A 77 10.57 -14.26 -15.04
CA ALA A 77 10.02 -15.59 -15.21
C ALA A 77 9.05 -15.91 -14.08
N LEU A 78 9.39 -15.50 -12.85
CA LEU A 78 8.47 -15.73 -11.73
C LEU A 78 7.19 -14.93 -11.90
N LEU A 79 7.30 -13.68 -12.37
CA LEU A 79 6.09 -12.89 -12.58
C LEU A 79 5.22 -13.50 -13.67
N ARG A 80 5.83 -14.01 -14.74
CA ARG A 80 5.03 -14.67 -15.77
C ARG A 80 4.35 -15.92 -15.24
N GLU A 81 5.04 -16.69 -14.40
CA GLU A 81 4.40 -17.88 -13.83
C GLU A 81 3.29 -17.50 -12.86
N CYS A 82 3.50 -16.42 -12.10
CA CYS A 82 2.42 -15.90 -11.25
C CYS A 82 1.21 -15.56 -12.11
N ALA A 83 1.43 -14.85 -13.21
CA ALA A 83 0.32 -14.46 -14.08
C ALA A 83 -0.38 -15.69 -14.64
N SER A 84 0.38 -16.73 -14.93
CA SER A 84 -0.21 -17.96 -15.45
C SER A 84 -1.10 -18.62 -14.40
N ARG A 85 -0.66 -18.62 -13.14
CA ARG A 85 -1.47 -19.25 -12.10
C ARG A 85 -2.71 -18.44 -11.79
N VAL A 86 -2.59 -17.10 -11.82
CA VAL A 86 -3.74 -16.23 -11.68
C VAL A 86 -4.76 -16.50 -12.78
N ALA A 87 -4.28 -16.66 -14.02
CA ALA A 87 -5.18 -16.97 -15.13
C ALA A 87 -5.81 -18.35 -14.94
N GLN A 88 -5.03 -19.33 -14.48
CA GLN A 88 -5.57 -20.67 -14.23
C GLN A 88 -6.64 -20.66 -13.15
N ALA A 89 -6.53 -19.75 -12.21
CA ALA A 89 -7.55 -19.57 -11.18
C ALA A 89 -8.80 -18.88 -11.72
N GLY A 90 -8.76 -18.41 -12.97
CA GLY A 90 -9.91 -17.80 -13.59
C GLY A 90 -9.90 -16.29 -13.67
N PHE A 91 -8.79 -15.63 -13.39
CA PHE A 91 -8.76 -14.17 -13.31
C PHE A 91 -8.02 -13.59 -14.50
N ALA A 92 -8.53 -12.46 -14.98
CA ALA A 92 -7.86 -11.62 -15.96
C ALA A 92 -7.36 -10.37 -15.28
N ILE A 93 -6.15 -9.95 -15.62
CA ILE A 93 -5.55 -8.74 -15.04
C ILE A 93 -6.06 -7.50 -15.77
N ARG A 94 -6.52 -6.52 -15.00
CA ARG A 94 -6.99 -5.27 -15.57
C ARG A 94 -5.96 -4.15 -15.49
N ASN A 95 -5.26 -3.99 -14.36
CA ASN A 95 -4.19 -2.99 -14.31
C ASN A 95 -3.29 -3.23 -13.11
N VAL A 96 -2.09 -2.67 -13.21
CA VAL A 96 -1.11 -2.69 -12.12
C VAL A 96 -0.58 -1.28 -11.95
N ASP A 97 -0.43 -0.86 -10.70
CA ASP A 97 0.25 0.38 -10.34
C ASP A 97 1.29 0.05 -9.27
N SER A 98 2.33 0.88 -9.18
CA SER A 98 3.42 0.52 -8.29
C SER A 98 4.24 1.76 -7.97
N THR A 99 5.01 1.67 -6.88
CA THR A 99 5.95 2.71 -6.48
C THR A 99 7.26 2.04 -6.05
N ILE A 100 8.37 2.61 -6.49
CA ILE A 100 9.71 2.25 -6.00
C ILE A 100 10.22 3.41 -5.16
N ILE A 101 10.76 3.11 -3.97
CA ILE A 101 11.34 4.12 -3.09
C ILE A 101 12.83 3.85 -2.93
N ALA A 102 13.66 4.78 -3.39
CA ALA A 102 15.10 4.62 -3.31
C ALA A 102 15.79 5.97 -3.19
N GLN A 103 16.82 6.02 -2.35
CA GLN A 103 17.65 7.22 -2.27
C GLN A 103 18.51 7.36 -3.52
N ALA A 104 18.97 6.24 -4.05
CA ALA A 104 19.86 6.20 -5.20
C ALA A 104 19.80 4.78 -5.73
N PRO A 105 20.10 4.57 -7.02
CA PRO A 105 20.45 5.59 -8.02
C PRO A 105 19.19 6.25 -8.55
N LYS A 106 19.35 7.20 -9.46
CA LYS A 106 18.20 7.81 -10.10
C LYS A 106 17.45 6.76 -10.91
N LEU A 107 16.15 6.67 -10.71
CA LEU A 107 15.36 5.64 -11.38
C LEU A 107 14.52 6.15 -12.54
N ALA A 108 14.24 7.45 -12.58
CA ALA A 108 13.45 7.99 -13.70
C ALA A 108 13.92 7.56 -15.08
N PRO A 109 15.23 7.49 -15.38
CA PRO A 109 15.66 7.06 -16.73
C PRO A 109 15.28 5.63 -17.07
N HIS A 110 14.90 4.82 -16.08
CA HIS A 110 14.63 3.40 -16.28
C HIS A 110 13.16 3.03 -16.16
N ILE A 111 12.30 3.96 -15.75
CA ILE A 111 10.90 3.64 -15.47
C ILE A 111 10.18 3.13 -16.71
N ASP A 112 10.41 3.75 -17.86
CA ASP A 112 9.69 3.32 -19.06
C ASP A 112 10.07 1.90 -19.43
N ALA A 113 11.35 1.56 -19.26
CA ALA A 113 11.80 0.19 -19.54
C ALA A 113 11.18 -0.79 -18.56
N MET A 114 11.04 -0.40 -17.29
CA MET A 114 10.40 -1.29 -16.32
C MET A 114 8.95 -1.50 -16.69
N ARG A 115 8.26 -0.42 -17.04
CA ARG A 115 6.86 -0.51 -17.42
C ARG A 115 6.67 -1.45 -18.61
N ALA A 116 7.52 -1.33 -19.63
CA ALA A 116 7.47 -2.20 -20.80
C ALA A 116 7.72 -3.66 -20.42
N ASN A 117 8.65 -3.91 -19.51
CA ASN A 117 8.91 -5.29 -19.09
C ASN A 117 7.71 -5.90 -18.39
N ILE A 118 7.12 -5.16 -17.45
CA ILE A 118 5.97 -5.66 -16.71
C ILE A 118 4.80 -5.91 -17.65
N ALA A 119 4.54 -4.96 -18.56
CA ALA A 119 3.45 -5.11 -19.51
C ALA A 119 3.64 -6.34 -20.37
N ALA A 120 4.86 -6.57 -20.86
CA ALA A 120 5.12 -7.74 -21.67
C ALA A 120 4.89 -9.02 -20.87
N ASP A 121 5.37 -9.05 -19.63
CA ASP A 121 5.24 -10.24 -18.81
C ASP A 121 3.78 -10.54 -18.47
N LEU A 122 2.95 -9.51 -18.31
CA LEU A 122 1.56 -9.69 -17.95
C LEU A 122 0.63 -9.73 -19.16
N ASP A 123 1.19 -9.67 -20.36
CA ASP A 123 0.42 -9.60 -21.59
C ASP A 123 -0.62 -8.48 -21.53
N LEU A 124 -0.15 -7.29 -21.12
CA LEU A 124 -0.97 -6.11 -21.00
C LEU A 124 -0.44 -5.02 -21.93
N PRO A 125 -1.32 -4.13 -22.41
CA PRO A 125 -0.85 -2.91 -23.06
C PRO A 125 -0.15 -2.01 -22.06
N LEU A 126 0.74 -1.16 -22.57
CA LEU A 126 1.46 -0.24 -21.70
C LEU A 126 0.52 0.63 -20.87
N ASP A 127 -0.63 0.98 -21.42
CA ASP A 127 -1.51 1.90 -20.71
C ASP A 127 -2.29 1.25 -19.58
N ARG A 128 -2.00 0.00 -19.23
CA ARG A 128 -2.57 -0.63 -18.04
C ARG A 128 -1.51 -0.91 -16.98
N VAL A 129 -0.30 -0.40 -17.15
CA VAL A 129 0.81 -0.66 -16.24
C VAL A 129 1.44 0.68 -15.88
N ASN A 130 1.70 0.88 -14.59
CA ASN A 130 2.30 2.12 -14.14
C ASN A 130 3.34 1.86 -13.06
N VAL A 131 4.46 2.57 -13.15
CA VAL A 131 5.54 2.50 -12.18
C VAL A 131 5.92 3.93 -11.78
N LYS A 132 5.91 4.23 -10.48
CA LYS A 132 6.24 5.56 -9.99
C LYS A 132 7.51 5.46 -9.16
N ALA A 133 8.36 6.47 -9.22
CA ALA A 133 9.62 6.43 -8.52
C ALA A 133 9.68 7.58 -7.53
N LYS A 134 10.15 7.28 -6.32
CA LYS A 134 10.18 8.23 -5.21
C LYS A 134 11.49 8.09 -4.47
N THR A 135 11.90 9.17 -3.82
CA THR A 135 12.81 9.05 -2.69
C THR A 135 11.97 8.99 -1.42
N ASN A 136 12.65 8.74 -0.31
CA ASN A 136 12.01 8.79 1.01
C ASN A 136 12.28 10.10 1.73
N GLU A 137 12.59 11.16 0.99
CA GLU A 137 12.84 12.48 1.57
C GLU A 137 13.85 12.42 2.71
N LYS A 138 14.86 11.57 2.54
CA LYS A 138 16.02 11.43 3.42
C LYS A 138 15.71 10.75 4.76
N LEU A 139 14.54 10.15 4.92
CA LEU A 139 14.12 9.60 6.21
C LEU A 139 14.39 8.10 6.28
N GLY A 140 14.90 7.67 7.43
CA GLY A 140 14.98 6.25 7.74
C GLY A 140 16.06 5.48 6.99
N TYR A 141 15.97 4.15 7.11
CA TYR A 141 16.91 3.28 6.42
C TYR A 141 16.84 3.46 4.91
N LEU A 142 15.67 3.79 4.37
CA LEU A 142 15.59 4.10 2.95
C LEU A 142 16.41 5.35 2.63
N GLY A 143 16.28 6.39 3.46
CA GLY A 143 17.06 7.59 3.24
C GLY A 143 18.55 7.38 3.40
N ARG A 144 18.95 6.39 4.20
CA ARG A 144 20.36 6.07 4.35
C ARG A 144 20.87 5.11 3.28
N GLY A 145 20.00 4.71 2.37
CA GLY A 145 20.39 3.82 1.29
C GLY A 145 20.67 2.40 1.71
N GLU A 146 20.08 1.92 2.81
CA GLU A 146 20.38 0.55 3.21
C GLU A 146 19.50 -0.47 2.49
N GLY A 147 18.44 -0.02 1.83
CA GLY A 147 17.58 -0.91 1.07
C GLY A 147 16.73 -0.11 0.10
N ILE A 148 15.96 -0.85 -0.70
CA ILE A 148 15.02 -0.27 -1.64
C ILE A 148 13.68 -0.96 -1.43
N GLU A 149 12.61 -0.18 -1.43
CA GLU A 149 11.26 -0.69 -1.19
C GLU A 149 10.43 -0.57 -2.47
N ALA A 150 9.48 -1.49 -2.64
CA ALA A 150 8.47 -1.35 -3.67
C ALA A 150 7.08 -1.63 -3.10
N GLN A 151 6.09 -0.93 -3.65
CA GLN A 151 4.69 -1.12 -3.32
C GLN A 151 3.93 -1.35 -4.61
N ALA A 152 2.86 -2.13 -4.55
CA ALA A 152 2.11 -2.41 -5.76
C ALA A 152 0.63 -2.59 -5.45
N ALA A 153 -0.21 -2.31 -6.44
CA ALA A 153 -1.64 -2.56 -6.39
C ALA A 153 -2.03 -3.17 -7.71
N ALA A 154 -2.97 -4.13 -7.67
CA ALA A 154 -3.42 -4.79 -8.89
C ALA A 154 -4.92 -4.99 -8.82
N LEU A 155 -5.59 -4.80 -9.96
CA LEU A 155 -7.00 -5.06 -10.11
C LEU A 155 -7.15 -6.20 -11.10
N VAL A 156 -7.91 -7.23 -10.71
CA VAL A 156 -8.20 -8.37 -11.57
C VAL A 156 -9.72 -8.56 -11.63
N VAL A 157 -10.16 -9.43 -12.54
CA VAL A 157 -11.58 -9.75 -12.67
C VAL A 157 -11.73 -11.23 -12.97
N ARG A 158 -12.69 -11.88 -12.30
CA ARG A 158 -12.99 -13.28 -12.59
C ARG A 158 -14.13 -13.39 -13.60
N MET B 1 -22.73 -1.42 -10.05
CA MET B 1 -21.40 -1.13 -10.60
C MET B 1 -20.75 0.00 -9.83
N ASP B 2 -21.27 0.32 -8.64
CA ASP B 2 -20.73 1.40 -7.83
C ASP B 2 -19.69 0.84 -6.86
N PHE B 3 -18.53 0.51 -7.42
CA PHE B 3 -17.42 -0.05 -6.67
C PHE B 3 -16.63 1.06 -5.97
N ARG B 4 -16.02 0.68 -4.84
CA ARG B 4 -15.14 1.58 -4.11
C ARG B 4 -13.99 0.78 -3.52
N ILE B 5 -12.82 1.41 -3.42
CA ILE B 5 -11.65 0.79 -2.81
C ILE B 5 -11.28 1.49 -1.50
N GLY B 6 -10.73 0.70 -0.58
CA GLY B 6 -10.23 1.22 0.67
C GLY B 6 -8.87 0.61 0.96
N GLN B 7 -8.10 1.31 1.77
CA GLN B 7 -6.77 0.86 2.16
C GLN B 7 -6.57 1.09 3.65
N GLY B 8 -5.79 0.21 4.28
CA GLY B 8 -5.58 0.30 5.72
C GLY B 8 -4.14 0.02 6.09
N TYR B 9 -3.74 0.59 7.23
CA TYR B 9 -2.40 0.49 7.77
C TYR B 9 -2.49 0.38 9.28
N ASP B 10 -1.68 -0.47 9.91
CA ASP B 10 -1.55 -0.45 11.37
C ASP B 10 -0.15 -0.94 11.74
N VAL B 11 0.32 -0.53 12.91
CA VAL B 11 1.61 -0.99 13.44
C VAL B 11 1.52 -0.98 14.96
N HIS B 12 2.18 -1.97 15.60
CA HIS B 12 2.29 -2.00 17.06
C HIS B 12 3.68 -2.46 17.49
N GLN B 13 4.11 -2.02 18.69
CA GLN B 13 5.41 -2.49 19.21
C GLN B 13 5.35 -3.95 19.66
N LEU B 14 6.48 -4.65 19.47
CA LEU B 14 6.65 -6.06 19.83
C LEU B 14 7.68 -6.21 20.94
N VAL B 15 7.24 -6.61 22.14
CA VAL B 15 8.11 -6.69 23.30
C VAL B 15 7.75 -7.92 24.13
N PRO B 16 8.69 -8.41 24.94
CA PRO B 16 8.37 -9.53 25.84
C PRO B 16 7.27 -9.15 26.82
N GLY B 17 6.56 -10.17 27.29
CA GLY B 17 5.55 -10.00 28.31
C GLY B 17 4.13 -9.82 27.82
N ARG B 18 3.87 -9.98 26.53
CA ARG B 18 2.53 -9.94 25.97
C ARG B 18 2.32 -11.11 25.02
N PRO B 19 1.07 -11.54 24.84
CA PRO B 19 0.78 -12.55 23.83
C PRO B 19 0.76 -11.95 22.43
N LEU B 20 1.06 -12.80 21.46
CA LEU B 20 1.08 -12.39 20.05
C LEU B 20 -0.22 -12.85 19.39
N ILE B 21 -1.10 -11.88 19.09
CA ILE B 21 -2.39 -12.15 18.45
C ILE B 21 -2.43 -11.40 17.12
N ILE B 22 -2.49 -12.15 16.03
CA ILE B 22 -2.55 -11.58 14.68
C ILE B 22 -3.65 -12.29 13.91
N GLY B 23 -4.56 -11.51 13.32
CA GLY B 23 -5.68 -12.10 12.62
C GLY B 23 -6.56 -12.98 13.48
N GLY B 24 -6.67 -12.66 14.77
CA GLY B 24 -7.41 -13.47 15.72
C GLY B 24 -6.69 -14.71 16.21
N VAL B 25 -5.46 -14.96 15.76
CA VAL B 25 -4.70 -16.17 16.09
C VAL B 25 -3.65 -15.86 17.14
N THR B 26 -3.67 -16.62 18.25
CA THR B 26 -2.61 -16.55 19.24
C THR B 26 -1.43 -17.41 18.78
N ILE B 27 -0.30 -16.76 18.53
CA ILE B 27 0.88 -17.39 17.94
C ILE B 27 1.94 -17.57 19.03
N PRO B 28 2.52 -18.76 19.17
CA PRO B 28 3.58 -18.97 20.17
C PRO B 28 4.82 -18.19 19.81
N TYR B 29 5.27 -17.32 20.72
CA TYR B 29 6.44 -16.48 20.49
C TYR B 29 6.85 -15.81 21.80
N GLU B 30 8.14 -15.47 21.92
CA GLU B 30 8.66 -14.88 23.14
C GLU B 30 8.14 -13.47 23.39
N ARG B 31 7.69 -12.77 22.35
CA ARG B 31 7.18 -11.42 22.50
C ARG B 31 5.77 -11.33 21.93
N GLY B 32 5.10 -10.21 22.24
CA GLY B 32 3.77 -9.93 21.72
C GLY B 32 3.62 -8.44 21.49
N LEU B 33 2.47 -8.07 20.92
CA LEU B 33 2.22 -6.69 20.50
C LEU B 33 1.63 -5.86 21.62
N LEU B 34 2.14 -4.64 21.78
CA LEU B 34 1.74 -3.74 22.86
C LEU B 34 0.66 -2.74 22.44
N ALA B 39 -4.47 -5.35 20.28
CA ALA B 39 -3.42 -4.88 19.41
C ALA B 39 -3.30 -5.74 18.15
N ASP B 40 -4.43 -6.27 17.67
CA ASP B 40 -4.41 -7.11 16.48
C ASP B 40 -4.17 -6.27 15.22
N VAL B 41 -2.91 -6.19 14.83
CA VAL B 41 -2.50 -5.26 13.79
C VAL B 41 -3.20 -5.56 12.46
N LEU B 42 -3.42 -6.84 12.17
CA LEU B 42 -4.02 -7.19 10.88
C LEU B 42 -5.51 -6.85 10.85
N LEU B 43 -6.25 -7.17 11.91
CA LEU B 43 -7.68 -6.88 11.91
C LEU B 43 -7.95 -5.38 11.88
N HIS B 44 -7.10 -4.59 12.54
CA HIS B 44 -7.30 -3.13 12.48
C HIS B 44 -7.07 -2.58 11.09
N ALA B 45 -6.04 -3.07 10.40
CA ALA B 45 -5.80 -2.60 9.03
C ALA B 45 -6.97 -2.93 8.14
N ILE B 46 -7.52 -4.14 8.28
CA ILE B 46 -8.66 -4.52 7.47
C ILE B 46 -9.88 -3.68 7.81
N THR B 47 -10.12 -3.46 9.11
CA THR B 47 -11.24 -2.63 9.54
C THR B 47 -11.13 -1.24 8.94
N ASP B 48 -9.93 -0.66 9.00
CA ASP B 48 -9.72 0.68 8.43
C ASP B 48 -9.93 0.68 6.92
N ALA B 49 -9.49 -0.37 6.22
CA ALA B 49 -9.71 -0.43 4.78
C ALA B 49 -11.20 -0.49 4.46
N LEU B 50 -11.98 -1.19 5.29
CA LEU B 50 -13.42 -1.29 5.04
C LEU B 50 -14.14 0.02 5.31
N PHE B 51 -13.83 0.66 6.45
CA PHE B 51 -14.37 2.00 6.70
C PHE B 51 -13.97 2.96 5.59
N GLY B 52 -12.75 2.81 5.08
CA GLY B 52 -12.27 3.71 4.04
C GLY B 52 -13.00 3.52 2.73
N ALA B 53 -13.22 2.27 2.33
CA ALA B 53 -13.96 2.00 1.11
C ALA B 53 -15.38 2.55 1.18
N ALA B 54 -16.00 2.50 2.36
CA ALA B 54 -17.35 3.01 2.52
C ALA B 54 -17.40 4.51 2.78
N ALA B 55 -16.24 5.18 2.86
CA ALA B 55 -16.17 6.60 3.17
C ALA B 55 -16.84 6.90 4.49
N LEU B 56 -16.62 6.04 5.48
CA LEU B 56 -17.21 6.19 6.81
C LEU B 56 -16.20 6.66 7.84
N GLY B 57 -15.04 7.13 7.41
CA GLY B 57 -14.03 7.62 8.33
C GLY B 57 -13.03 6.53 8.68
N ASP B 58 -12.82 6.31 9.98
CA ASP B 58 -11.78 5.37 10.38
C ASP B 58 -12.15 4.70 11.69
N ILE B 59 -11.31 3.74 12.09
CA ILE B 59 -11.56 2.93 13.28
C ILE B 59 -11.56 3.80 14.53
N GLY B 60 -10.74 4.86 14.56
CA GLY B 60 -10.72 5.75 15.71
C GLY B 60 -12.00 6.54 15.90
N ARG B 61 -12.63 6.95 14.80
CA ARG B 61 -13.91 7.66 14.89
C ARG B 61 -15.04 6.74 15.31
N HIS B 62 -15.01 5.47 14.89
CA HIS B 62 -16.13 4.59 15.18
C HIS B 62 -16.03 3.93 16.54
N PHE B 63 -14.82 3.58 16.96
CA PHE B 63 -14.65 2.78 18.17
C PHE B 63 -13.72 3.48 19.16
N ASP B 74 -12.44 -6.85 21.83
CA ASP B 74 -11.73 -7.80 20.99
C ASP B 74 -11.73 -7.25 19.55
N SER B 75 -10.61 -7.33 18.86
CA SER B 75 -10.57 -6.74 17.53
C SER B 75 -11.43 -7.49 16.52
N ARG B 76 -11.80 -8.74 16.82
CA ARG B 76 -12.78 -9.43 16.00
C ARG B 76 -14.18 -8.86 16.18
N ALA B 77 -14.56 -8.50 17.41
CA ALA B 77 -15.86 -7.87 17.62
C ALA B 77 -15.94 -6.53 16.88
N LEU B 78 -14.84 -5.77 16.90
CA LEU B 78 -14.82 -4.50 16.17
C LEU B 78 -14.93 -4.71 14.67
N LEU B 79 -14.28 -5.75 14.15
CA LEU B 79 -14.38 -6.02 12.72
C LEU B 79 -15.81 -6.40 12.33
N ARG B 80 -16.47 -7.21 13.17
CA ARG B 80 -17.86 -7.55 12.89
C ARG B 80 -18.77 -6.32 12.92
N GLU B 81 -18.55 -5.40 13.86
CA GLU B 81 -19.39 -4.20 13.90
C GLU B 81 -19.08 -3.29 12.71
N CYS B 82 -17.81 -3.20 12.33
CA CYS B 82 -17.45 -2.46 11.13
C CYS B 82 -18.20 -3.01 9.92
N ALA B 83 -18.24 -4.34 9.78
CA ALA B 83 -18.94 -4.93 8.65
C ALA B 83 -20.43 -4.60 8.68
N SER B 84 -21.01 -4.55 9.88
CA SER B 84 -22.43 -4.24 9.96
C SER B 84 -22.71 -2.80 9.51
N ARG B 85 -21.85 -1.87 9.88
CA ARG B 85 -22.05 -0.49 9.47
C ARG B 85 -21.83 -0.30 7.98
N VAL B 86 -20.84 -1.01 7.42
CA VAL B 86 -20.63 -0.98 5.98
C VAL B 86 -21.87 -1.47 5.25
N ALA B 87 -22.48 -2.55 5.75
CA ALA B 87 -23.68 -3.07 5.10
C ALA B 87 -24.85 -2.10 5.22
N GLN B 88 -25.04 -1.49 6.39
CA GLN B 88 -26.15 -0.57 6.55
C GLN B 88 -25.96 0.69 5.72
N ALA B 89 -24.71 1.04 5.42
CA ALA B 89 -24.44 2.15 4.52
C ALA B 89 -24.74 1.79 3.07
N GLY B 90 -25.07 0.53 2.79
CA GLY B 90 -25.45 0.09 1.47
C GLY B 90 -24.41 -0.67 0.69
N PHE B 91 -23.32 -1.09 1.32
CA PHE B 91 -22.20 -1.70 0.62
C PHE B 91 -22.09 -3.19 0.92
N ALA B 92 -21.71 -3.94 -0.09
CA ALA B 92 -21.35 -5.35 0.03
C ALA B 92 -19.85 -5.48 -0.16
N ILE B 93 -19.21 -6.32 0.66
CA ILE B 93 -17.76 -6.53 0.54
C ILE B 93 -17.50 -7.54 -0.57
N ARG B 94 -16.56 -7.20 -1.45
CA ARG B 94 -16.19 -8.10 -2.53
C ARG B 94 -14.90 -8.87 -2.27
N ASN B 95 -13.87 -8.22 -1.73
CA ASN B 95 -12.67 -8.98 -1.35
C ASN B 95 -11.79 -8.15 -0.44
N VAL B 96 -10.94 -8.85 0.28
CA VAL B 96 -9.90 -8.27 1.12
C VAL B 96 -8.58 -8.94 0.82
N ASP B 97 -7.51 -8.15 0.73
CA ASP B 97 -6.15 -8.64 0.65
C ASP B 97 -5.33 -7.88 1.68
N SER B 98 -4.23 -8.49 2.11
CA SER B 98 -3.46 -7.93 3.22
C SER B 98 -2.05 -8.49 3.23
N THR B 99 -1.18 -7.78 3.95
CA THR B 99 0.18 -8.23 4.20
C THR B 99 0.54 -7.93 5.66
N ILE B 100 1.17 -8.91 6.31
CA ILE B 100 1.77 -8.74 7.63
C ILE B 100 3.28 -8.70 7.45
N ILE B 101 3.94 -7.72 8.07
CA ILE B 101 5.39 -7.64 8.03
C ILE B 101 5.89 -7.86 9.44
N ALA B 102 6.59 -8.99 9.64
CA ALA B 102 7.16 -9.34 10.94
C ALA B 102 8.43 -10.12 10.68
N GLN B 103 9.52 -9.76 11.39
CA GLN B 103 10.78 -10.47 11.17
C GLN B 103 10.72 -11.87 11.75
N ALA B 104 9.94 -12.06 12.81
CA ALA B 104 9.72 -13.36 13.45
C ALA B 104 8.43 -13.25 14.25
N PRO B 105 7.75 -14.39 14.49
CA PRO B 105 8.04 -15.76 14.07
C PRO B 105 7.52 -16.03 12.67
N LYS B 106 7.70 -17.26 12.20
CA LYS B 106 7.13 -17.67 10.91
C LYS B 106 5.61 -17.64 11.00
N LEU B 107 4.96 -16.96 10.05
CA LEU B 107 3.52 -16.80 10.06
C LEU B 107 2.79 -17.70 9.10
N ALA B 108 3.48 -18.23 8.09
CA ALA B 108 2.85 -19.13 7.12
C ALA B 108 1.97 -20.22 7.73
N PRO B 109 2.37 -20.90 8.82
CA PRO B 109 1.49 -21.96 9.38
C PRO B 109 0.16 -21.47 9.89
N HIS B 110 -0.03 -20.16 10.10
CA HIS B 110 -1.24 -19.63 10.71
C HIS B 110 -2.13 -18.91 9.71
N ILE B 111 -1.70 -18.81 8.45
CA ILE B 111 -2.42 -17.99 7.47
C ILE B 111 -3.85 -18.49 7.29
N ASP B 112 -4.02 -19.81 7.18
CA ASP B 112 -5.36 -20.32 6.94
C ASP B 112 -6.28 -20.04 8.11
N ALA B 113 -5.75 -20.12 9.33
CA ALA B 113 -6.55 -19.78 10.51
C ALA B 113 -6.95 -18.31 10.48
N MET B 114 -6.03 -17.43 10.06
CA MET B 114 -6.34 -16.01 9.98
C MET B 114 -7.42 -15.76 8.94
N ARG B 115 -7.26 -16.36 7.75
CA ARG B 115 -8.25 -16.20 6.69
C ARG B 115 -9.61 -16.66 7.15
N ALA B 116 -9.65 -17.79 7.85
CA ALA B 116 -10.93 -18.33 8.32
C ALA B 116 -11.59 -17.39 9.30
N ASN B 117 -10.81 -16.79 10.20
CA ASN B 117 -11.38 -15.86 11.17
C ASN B 117 -11.93 -14.62 10.46
N ILE B 118 -11.16 -14.08 9.51
CA ILE B 118 -11.59 -12.87 8.83
C ILE B 118 -12.83 -13.15 7.98
N ALA B 119 -12.81 -14.25 7.23
CA ALA B 119 -13.96 -14.57 6.38
C ALA B 119 -15.21 -14.77 7.22
N ALA B 120 -15.07 -15.42 8.37
CA ALA B 120 -16.21 -15.60 9.27
C ALA B 120 -16.73 -14.25 9.77
N ASP B 121 -15.81 -13.37 10.19
CA ASP B 121 -16.23 -12.08 10.73
C ASP B 121 -16.86 -11.20 9.67
N LEU B 122 -16.43 -11.32 8.42
CA LEU B 122 -16.97 -10.52 7.32
C LEU B 122 -18.08 -11.23 6.56
N ASP B 123 -18.43 -12.46 6.95
CA ASP B 123 -19.42 -13.28 6.24
C ASP B 123 -19.11 -13.34 4.74
N LEU B 124 -17.86 -13.66 4.42
CA LEU B 124 -17.35 -13.79 3.07
C LEU B 124 -16.92 -15.22 2.78
N PRO B 125 -17.02 -15.68 1.54
CA PRO B 125 -16.38 -16.95 1.18
C PRO B 125 -14.88 -16.82 1.39
N LEU B 126 -14.25 -17.95 1.74
CA LEU B 126 -12.82 -17.96 2.01
C LEU B 126 -12.01 -17.45 0.82
N ASP B 127 -12.47 -17.71 -0.40
CA ASP B 127 -11.71 -17.34 -1.58
C ASP B 127 -11.82 -15.86 -1.92
N ARG B 128 -12.41 -15.06 -1.03
CA ARG B 128 -12.40 -13.61 -1.20
C ARG B 128 -11.57 -12.94 -0.11
N VAL B 129 -10.82 -13.72 0.67
CA VAL B 129 -10.00 -13.18 1.76
C VAL B 129 -8.59 -13.72 1.60
N ASN B 130 -7.60 -12.83 1.65
CA ASN B 130 -6.22 -13.24 1.48
C ASN B 130 -5.35 -12.52 2.50
N VAL B 131 -4.38 -13.27 3.03
CA VAL B 131 -3.37 -12.78 3.97
C VAL B 131 -2.00 -13.23 3.49
N LYS B 132 -1.08 -12.27 3.36
CA LYS B 132 0.28 -12.52 2.90
C LYS B 132 1.24 -12.18 4.04
N ALA B 133 2.38 -12.87 4.09
CA ALA B 133 3.35 -12.69 5.17
C ALA B 133 4.73 -12.39 4.62
N LYS B 134 5.42 -11.42 5.25
CA LYS B 134 6.71 -10.93 4.82
C LYS B 134 7.58 -10.69 6.04
N THR B 135 8.90 -10.85 5.87
CA THR B 135 9.82 -10.19 6.79
C THR B 135 10.21 -8.84 6.20
N ASN B 136 10.94 -8.06 6.99
CA ASN B 136 11.46 -6.79 6.51
C ASN B 136 12.96 -6.84 6.20
N GLU B 137 13.49 -8.03 5.96
CA GLU B 137 14.90 -8.21 5.56
C GLU B 137 15.85 -7.50 6.53
N LYS B 138 15.52 -7.54 7.82
CA LYS B 138 16.37 -7.04 8.90
C LYS B 138 16.49 -5.51 8.92
N LEU B 139 15.64 -4.81 8.19
CA LEU B 139 15.73 -3.36 8.07
C LEU B 139 14.74 -2.69 9.02
N GLY B 140 15.20 -1.65 9.70
CA GLY B 140 14.33 -0.81 10.49
C GLY B 140 13.83 -1.49 11.75
N TYR B 141 12.90 -0.80 12.43
CA TYR B 141 12.31 -1.36 13.65
C TYR B 141 11.57 -2.66 13.36
N LEU B 142 10.98 -2.81 12.16
CA LEU B 142 10.35 -4.08 11.82
C LEU B 142 11.39 -5.18 11.71
N GLY B 143 12.50 -4.88 11.02
CA GLY B 143 13.55 -5.87 10.82
C GLY B 143 14.26 -6.28 12.10
N ARG B 144 14.25 -5.41 13.12
CA ARG B 144 14.82 -5.70 14.43
C ARG B 144 13.82 -6.35 15.39
N GLY B 145 12.61 -6.66 14.91
CA GLY B 145 11.63 -7.30 15.78
C GLY B 145 11.05 -6.39 16.83
N GLU B 146 11.12 -5.09 16.63
CA GLU B 146 10.58 -4.12 17.58
C GLU B 146 9.13 -3.77 17.32
N GLY B 147 8.58 -4.17 16.18
CA GLY B 147 7.18 -3.95 15.90
C GLY B 147 6.75 -4.88 14.79
N ILE B 148 5.44 -4.88 14.54
CA ILE B 148 4.84 -5.62 13.42
C ILE B 148 3.86 -4.71 12.73
N GLU B 149 3.89 -4.70 11.40
CA GLU B 149 3.02 -3.85 10.59
C GLU B 149 2.04 -4.72 9.82
N ALA B 150 0.85 -4.19 9.56
CA ALA B 150 -0.07 -4.79 8.61
C ALA B 150 -0.59 -3.75 7.63
N GLN B 151 -0.80 -4.21 6.39
CA GLN B 151 -1.37 -3.41 5.32
C GLN B 151 -2.58 -4.17 4.79
N ALA B 152 -3.60 -3.44 4.35
CA ALA B 152 -4.80 -4.09 3.83
C ALA B 152 -5.42 -3.28 2.70
N ALA B 153 -6.12 -3.98 1.81
CA ALA B 153 -6.91 -3.39 0.75
C ALA B 153 -8.27 -4.07 0.71
N ALA B 154 -9.33 -3.30 0.46
CA ALA B 154 -10.66 -3.87 0.39
C ALA B 154 -11.43 -3.27 -0.77
N LEU B 155 -12.19 -4.10 -1.47
CA LEU B 155 -13.09 -3.67 -2.53
C LEU B 155 -14.53 -3.93 -2.09
N VAL B 156 -15.37 -2.91 -2.20
CA VAL B 156 -16.79 -3.03 -1.88
C VAL B 156 -17.59 -2.50 -3.06
N VAL B 157 -18.89 -2.75 -3.02
CA VAL B 157 -19.80 -2.29 -4.06
C VAL B 157 -21.12 -1.83 -3.43
N ARG B 158 -21.64 -0.70 -3.90
CA ARG B 158 -22.92 -0.22 -3.43
C ARG B 158 -24.01 -0.74 -4.34
N MET C 1 -17.19 -0.39 -17.65
CA MET C 1 -16.66 -1.38 -16.71
C MET C 1 -15.13 -1.47 -16.76
N ASP C 2 -14.48 -0.46 -17.36
CA ASP C 2 -13.02 -0.44 -17.45
C ASP C 2 -12.48 0.32 -16.22
N PHE C 3 -12.52 -0.36 -15.08
CA PHE C 3 -12.03 0.18 -13.83
C PHE C 3 -10.51 0.02 -13.74
N ARG C 4 -9.88 0.94 -13.00
CA ARG C 4 -8.46 0.85 -12.71
C ARG C 4 -8.24 1.33 -11.29
N ILE C 5 -7.23 0.76 -10.62
CA ILE C 5 -6.84 1.18 -9.28
C ILE C 5 -5.46 1.83 -9.30
N GLY C 6 -5.24 2.76 -8.37
CA GLY C 6 -3.95 3.36 -8.18
C GLY C 6 -3.62 3.43 -6.69
N GLN C 7 -2.33 3.51 -6.40
CA GLN C 7 -1.88 3.62 -5.02
C GLN C 7 -0.81 4.70 -4.96
N GLY C 8 -0.77 5.40 -3.84
CA GLY C 8 0.18 6.49 -3.68
C GLY C 8 0.79 6.47 -2.30
N TYR C 9 2.01 6.98 -2.22
CA TYR C 9 2.79 7.06 -1.01
C TYR C 9 3.54 8.37 -1.03
N ASP C 10 3.58 9.05 0.12
CA ASP C 10 4.47 10.20 0.22
C ASP C 10 4.87 10.37 1.68
N VAL C 11 6.02 11.01 1.88
CA VAL C 11 6.53 11.32 3.21
C VAL C 11 7.34 12.60 3.10
N HIS C 12 7.24 13.45 4.13
CA HIS C 12 8.06 14.66 4.20
C HIS C 12 8.55 14.86 5.62
N GLN C 13 9.71 15.50 5.73
CA GLN C 13 10.25 15.85 7.04
C GLN C 13 9.49 17.00 7.65
N LEU C 14 9.45 17.01 8.99
CA LEU C 14 8.85 18.09 9.77
C LEU C 14 10.00 18.95 10.28
N VAL C 15 9.98 20.23 9.92
CA VAL C 15 11.11 21.12 10.19
C VAL C 15 10.58 22.43 10.77
N PRO C 16 11.41 23.15 11.52
CA PRO C 16 10.98 24.46 12.04
C PRO C 16 10.80 25.48 10.94
N GLY C 17 9.93 26.45 11.19
CA GLY C 17 9.82 27.59 10.31
C GLY C 17 8.84 27.44 9.15
N ARG C 18 8.21 26.29 9.02
CA ARG C 18 7.27 26.07 7.94
C ARG C 18 5.86 25.90 8.50
N PRO C 19 4.83 26.33 7.77
CA PRO C 19 3.46 26.02 8.20
C PRO C 19 3.17 24.56 7.94
N LEU C 20 2.26 24.01 8.74
CA LEU C 20 1.85 22.61 8.59
C LEU C 20 0.57 22.58 7.79
N ILE C 21 0.65 22.13 6.53
CA ILE C 21 -0.49 22.08 5.63
C ILE C 21 -0.68 20.63 5.20
N ILE C 22 -1.79 20.03 5.62
CA ILE C 22 -2.12 18.66 5.26
C ILE C 22 -3.55 18.66 4.73
N GLY C 23 -3.75 18.08 3.54
CA GLY C 23 -5.06 18.09 2.93
C GLY C 23 -5.59 19.50 2.70
N GLY C 24 -4.69 20.45 2.45
CA GLY C 24 -5.05 21.84 2.28
C GLY C 24 -5.37 22.60 3.55
N VAL C 25 -5.30 21.94 4.71
CA VAL C 25 -5.67 22.55 5.99
C VAL C 25 -4.41 23.01 6.69
N THR C 26 -4.37 24.29 7.05
CA THR C 26 -3.27 24.81 7.86
C THR C 26 -3.52 24.47 9.32
N ILE C 27 -2.67 23.64 9.89
CA ILE C 27 -2.83 23.14 11.26
C ILE C 27 -1.81 23.86 12.14
N PRO C 28 -2.22 24.43 13.28
CA PRO C 28 -1.25 25.10 14.16
C PRO C 28 -0.28 24.08 14.73
N TYR C 29 1.01 24.36 14.58
CA TYR C 29 2.05 23.45 15.04
C TYR C 29 3.39 24.16 14.96
N GLU C 30 4.33 23.72 15.80
CA GLU C 30 5.63 24.36 15.84
C GLU C 30 6.45 24.14 14.58
N ARG C 31 6.18 23.05 13.85
CA ARG C 31 6.91 22.72 12.64
C ARG C 31 5.94 22.53 11.49
N GLY C 32 6.51 22.40 10.29
CA GLY C 32 5.73 22.14 9.10
C GLY C 32 6.52 21.25 8.16
N LEU C 33 5.89 20.87 7.05
CA LEU C 33 6.48 19.91 6.13
C LEU C 33 7.41 20.59 5.13
N LEU C 34 8.55 19.95 4.89
CA LEU C 34 9.62 20.48 4.05
C LEU C 34 9.48 19.95 2.63
N GLY C 35 9.49 20.86 1.66
CA GLY C 35 9.44 20.45 0.27
C GLY C 35 9.54 21.66 -0.63
N HIS C 36 9.66 21.39 -1.93
CA HIS C 36 9.69 22.48 -2.91
C HIS C 36 8.34 23.16 -3.00
N SER C 37 7.26 22.38 -3.03
CA SER C 37 5.90 22.91 -2.93
C SER C 37 5.60 23.26 -1.49
N ASP C 38 4.31 23.41 -1.17
CA ASP C 38 3.90 23.49 0.24
C ASP C 38 4.07 22.16 0.97
N ALA C 39 4.53 21.11 0.28
CA ALA C 39 4.84 19.81 0.89
C ALA C 39 3.62 19.14 1.49
N ASP C 40 2.45 19.33 0.88
CA ASP C 40 1.22 18.70 1.38
C ASP C 40 1.25 17.20 1.11
N VAL C 41 1.70 16.44 2.11
CA VAL C 41 1.99 15.02 1.93
C VAL C 41 0.74 14.23 1.56
N LEU C 42 -0.41 14.61 2.10
CA LEU C 42 -1.65 13.90 1.79
C LEU C 42 -2.09 14.17 0.36
N LEU C 43 -2.06 15.44 -0.05
CA LEU C 43 -2.47 15.73 -1.43
C LEU C 43 -1.52 15.08 -2.42
N HIS C 44 -0.23 15.03 -2.09
CA HIS C 44 0.72 14.39 -3.00
C HIS C 44 0.45 12.89 -3.13
N ALA C 45 0.15 12.21 -2.02
CA ALA C 45 -0.13 10.79 -2.09
C ALA C 45 -1.38 10.52 -2.93
N ILE C 46 -2.41 11.34 -2.76
CA ILE C 46 -3.63 11.19 -3.55
C ILE C 46 -3.35 11.48 -5.02
N THR C 47 -2.56 12.52 -5.30
CA THR C 47 -2.17 12.84 -6.68
C THR C 47 -1.45 11.67 -7.33
N ASP C 48 -0.50 11.06 -6.63
CA ASP C 48 0.21 9.91 -7.19
C ASP C 48 -0.73 8.73 -7.42
N ALA C 49 -1.67 8.48 -6.51
CA ALA C 49 -2.62 7.38 -6.68
C ALA C 49 -3.50 7.62 -7.90
N LEU C 50 -3.88 8.88 -8.15
CA LEU C 50 -4.71 9.18 -9.32
C LEU C 50 -3.91 9.04 -10.60
N PHE C 51 -2.68 9.61 -10.66
CA PHE C 51 -1.83 9.39 -11.81
C PHE C 51 -1.59 7.90 -12.03
N GLY C 52 -1.44 7.14 -10.94
CA GLY C 52 -1.15 5.71 -11.08
C GLY C 52 -2.34 4.95 -11.63
N ALA C 53 -3.54 5.25 -11.16
CA ALA C 53 -4.73 4.57 -11.66
C ALA C 53 -4.94 4.85 -13.15
N ALA C 54 -4.63 6.06 -13.60
CA ALA C 54 -4.78 6.44 -15.00
C ALA C 54 -3.58 6.04 -15.84
N ALA C 55 -2.56 5.43 -15.24
CA ALA C 55 -1.33 5.02 -15.92
C ALA C 55 -0.64 6.21 -16.57
N LEU C 56 -0.62 7.34 -15.86
CA LEU C 56 -0.04 8.58 -16.37
C LEU C 56 1.31 8.91 -15.72
N GLY C 57 1.91 7.96 -15.02
CA GLY C 57 3.21 8.17 -14.41
C GLY C 57 3.09 8.61 -12.97
N ASP C 58 3.76 9.71 -12.63
CA ASP C 58 3.80 10.13 -11.24
C ASP C 58 3.93 11.64 -11.14
N ILE C 59 3.84 12.11 -9.90
CA ILE C 59 3.88 13.53 -9.64
C ILE C 59 5.23 14.13 -10.03
N GLY C 60 6.32 13.35 -9.89
CA GLY C 60 7.63 13.84 -10.28
C GLY C 60 7.76 14.09 -11.77
N ARG C 61 7.12 13.23 -12.58
CA ARG C 61 7.14 13.41 -14.03
C ARG C 61 6.29 14.60 -14.47
N HIS C 62 5.18 14.86 -13.77
CA HIS C 62 4.23 15.89 -14.20
C HIS C 62 4.58 17.28 -13.73
N PHE C 63 5.14 17.41 -12.53
CA PHE C 63 5.40 18.74 -11.99
C PHE C 63 6.86 18.91 -11.58
N ASP C 74 1.25 25.55 -4.99
CA ASP C 74 0.22 25.06 -4.07
C ASP C 74 -0.26 23.66 -4.46
N SER C 75 -0.29 22.74 -3.50
CA SER C 75 -0.62 21.36 -3.82
C SER C 75 -2.09 21.14 -4.16
N ARG C 76 -2.98 22.07 -3.81
CA ARG C 76 -4.35 21.97 -4.27
C ARG C 76 -4.44 22.28 -5.77
N ALA C 77 -3.73 23.30 -6.23
CA ALA C 77 -3.70 23.56 -7.66
C ALA C 77 -3.12 22.38 -8.42
N LEU C 78 -2.09 21.74 -7.86
CA LEU C 78 -1.51 20.56 -8.47
C LEU C 78 -2.49 19.40 -8.48
N LEU C 79 -3.28 19.25 -7.41
CA LEU C 79 -4.28 18.17 -7.38
C LEU C 79 -5.37 18.43 -8.40
N ARG C 80 -5.79 19.69 -8.54
CA ARG C 80 -6.77 20.06 -9.57
C ARG C 80 -6.24 19.77 -10.96
N GLU C 81 -4.95 20.06 -11.21
CA GLU C 81 -4.37 19.79 -12.52
C GLU C 81 -4.24 18.29 -12.75
N CYS C 82 -3.87 17.55 -11.71
CA CYS C 82 -3.86 16.09 -11.80
C CYS C 82 -5.22 15.57 -12.21
N ALA C 83 -6.29 16.07 -11.57
CA ALA C 83 -7.62 15.63 -11.94
C ALA C 83 -7.96 15.98 -13.39
N SER C 84 -7.46 17.13 -13.87
CA SER C 84 -7.70 17.51 -15.26
C SER C 84 -7.02 16.53 -16.20
N ARG C 85 -5.80 16.13 -15.86
CA ARG C 85 -5.08 15.19 -16.71
C ARG C 85 -5.70 13.80 -16.68
N VAL C 86 -6.22 13.39 -15.53
CA VAL C 86 -6.95 12.12 -15.45
C VAL C 86 -8.16 12.15 -16.37
N ALA C 87 -8.91 13.25 -16.34
CA ALA C 87 -10.06 13.39 -17.22
C ALA C 87 -9.64 13.44 -18.69
N GLN C 88 -8.52 14.11 -18.97
CA GLN C 88 -8.04 14.22 -20.35
C GLN C 88 -7.75 12.84 -20.94
N ALA C 89 -7.34 11.90 -20.10
CA ALA C 89 -7.09 10.52 -20.51
C ALA C 89 -8.36 9.69 -20.67
N GLY C 90 -9.52 10.25 -20.31
CA GLY C 90 -10.78 9.57 -20.47
C GLY C 90 -11.33 8.92 -19.22
N PHE C 91 -10.77 9.22 -18.05
CA PHE C 91 -11.13 8.52 -16.83
C PHE C 91 -11.98 9.41 -15.93
N ALA C 92 -12.93 8.79 -15.25
CA ALA C 92 -13.72 9.43 -14.21
C ALA C 92 -13.28 8.85 -12.87
N ILE C 93 -13.16 9.71 -11.87
CA ILE C 93 -12.77 9.26 -10.53
C ILE C 93 -14.00 8.72 -9.82
N ARG C 94 -13.88 7.52 -9.24
CA ARG C 94 -14.98 6.93 -8.50
C ARG C 94 -14.86 7.12 -7.00
N ASN C 95 -13.67 6.92 -6.43
CA ASN C 95 -13.49 7.18 -5.01
C ASN C 95 -12.02 7.29 -4.69
N VAL C 96 -11.73 7.95 -3.57
CA VAL C 96 -10.39 8.05 -3.00
C VAL C 96 -10.46 7.73 -1.52
N ASP C 97 -9.48 6.96 -1.04
CA ASP C 97 -9.31 6.69 0.37
C ASP C 97 -7.84 6.95 0.71
N SER C 98 -7.56 7.23 1.98
CA SER C 98 -6.22 7.68 2.35
C SER C 98 -5.98 7.52 3.85
N THR C 99 -4.70 7.53 4.21
CA THR C 99 -4.28 7.52 5.62
C THR C 99 -3.14 8.50 5.82
N ILE C 100 -3.20 9.28 6.89
CA ILE C 100 -2.10 10.12 7.34
C ILE C 100 -1.51 9.48 8.59
N ILE C 101 -0.19 9.36 8.63
CA ILE C 101 0.51 8.84 9.80
C ILE C 101 1.35 9.97 10.39
N ALA C 102 0.99 10.39 11.60
CA ALA C 102 1.68 11.46 12.30
C ALA C 102 1.58 11.19 13.79
N GLN C 103 2.71 11.30 14.49
CA GLN C 103 2.66 11.17 15.94
C GLN C 103 2.06 12.41 16.57
N ALA C 104 2.25 13.57 15.95
CA ALA C 104 1.68 14.82 16.43
C ALA C 104 1.67 15.78 15.24
N PRO C 105 0.76 16.76 15.23
CA PRO C 105 -0.30 17.02 16.22
C PRO C 105 -1.53 16.15 16.00
N LYS C 106 -2.55 16.34 16.83
CA LYS C 106 -3.81 15.62 16.65
C LYS C 106 -4.46 16.07 15.35
N LEU C 107 -4.86 15.09 14.52
CA LEU C 107 -5.40 15.38 13.20
C LEU C 107 -6.91 15.24 13.11
N ALA C 108 -7.52 14.49 14.02
CA ALA C 108 -8.98 14.31 13.99
C ALA C 108 -9.78 15.60 13.83
N PRO C 109 -9.45 16.71 14.51
CA PRO C 109 -10.25 17.94 14.33
C PRO C 109 -10.21 18.52 12.91
N HIS C 110 -9.29 18.07 12.06
CA HIS C 110 -9.08 18.68 10.76
C HIS C 110 -9.50 17.79 9.61
N ILE C 111 -9.90 16.54 9.89
CA ILE C 111 -10.15 15.56 8.84
C ILE C 111 -11.29 16.02 7.94
N ASP C 112 -12.35 16.56 8.52
CA ASP C 112 -13.51 16.93 7.71
C ASP C 112 -13.18 18.07 6.75
N ALA C 113 -12.36 19.03 7.19
CA ALA C 113 -11.93 20.10 6.29
C ALA C 113 -11.08 19.54 5.16
N MET C 114 -10.24 18.54 5.46
CA MET C 114 -9.39 17.93 4.45
C MET C 114 -10.25 17.22 3.40
N ARG C 115 -11.22 16.42 3.86
CA ARG C 115 -12.11 15.73 2.95
C ARG C 115 -12.88 16.72 2.07
N ALA C 116 -13.37 17.81 2.67
CA ALA C 116 -14.07 18.82 1.89
C ALA C 116 -13.17 19.45 0.84
N ASN C 117 -11.91 19.72 1.19
CA ASN C 117 -10.99 20.31 0.22
C ASN C 117 -10.72 19.35 -0.92
N ILE C 118 -10.47 18.08 -0.59
CA ILE C 118 -10.18 17.09 -1.63
C ILE C 118 -11.39 16.89 -2.53
N ALA C 119 -12.58 16.79 -1.92
CA ALA C 119 -13.78 16.57 -2.72
C ALA C 119 -14.03 17.73 -3.66
N ALA C 120 -13.83 18.97 -3.18
CA ALA C 120 -13.98 20.13 -4.05
C ALA C 120 -12.96 20.09 -5.18
N ASP C 121 -11.70 19.78 -4.85
CA ASP C 121 -10.64 19.80 -5.87
C ASP C 121 -10.84 18.71 -6.92
N LEU C 122 -11.43 17.58 -6.52
CA LEU C 122 -11.65 16.46 -7.43
C LEU C 122 -13.05 16.44 -8.04
N ASP C 123 -13.87 17.46 -7.75
CA ASP C 123 -15.26 17.52 -8.20
C ASP C 123 -15.99 16.22 -7.84
N LEU C 124 -15.85 15.81 -6.58
CA LEU C 124 -16.49 14.61 -6.06
C LEU C 124 -17.44 14.95 -4.92
N PRO C 125 -18.50 14.17 -4.75
CA PRO C 125 -19.29 14.26 -3.52
C PRO C 125 -18.46 13.80 -2.33
N LEU C 126 -18.78 14.36 -1.17
CA LEU C 126 -18.07 14.01 0.06
C LEU C 126 -18.09 12.52 0.33
N ASP C 127 -19.16 11.82 -0.04
CA ASP C 127 -19.25 10.40 0.27
C ASP C 127 -18.42 9.53 -0.67
N ARG C 128 -17.58 10.14 -1.53
CA ARG C 128 -16.62 9.38 -2.33
C ARG C 128 -15.18 9.70 -1.95
N VAL C 129 -14.97 10.41 -0.85
CA VAL C 129 -13.64 10.82 -0.40
C VAL C 129 -13.51 10.46 1.07
N ASN C 130 -12.37 9.85 1.43
CA ASN C 130 -12.14 9.44 2.82
C ASN C 130 -10.70 9.70 3.21
N VAL C 131 -10.52 10.20 4.44
CA VAL C 131 -9.21 10.45 5.03
C VAL C 131 -9.18 9.86 6.44
N LYS C 132 -8.18 9.01 6.71
CA LYS C 132 -8.01 8.34 7.99
C LYS C 132 -6.73 8.81 8.66
N ALA C 133 -6.73 8.84 9.99
CA ALA C 133 -5.60 9.35 10.76
C ALA C 133 -5.08 8.27 11.69
N LYS C 134 -3.75 8.14 11.75
CA LYS C 134 -3.07 7.12 12.53
C LYS C 134 -1.83 7.74 13.15
N THR C 135 -1.42 7.23 14.33
CA THR C 135 -0.06 7.41 14.81
C THR C 135 0.81 6.23 14.39
N ASN C 136 2.11 6.31 14.65
CA ASN C 136 3.01 5.19 14.39
C ASN C 136 3.45 4.44 15.64
N GLU C 137 2.68 4.56 16.74
CA GLU C 137 2.96 3.86 18.00
C GLU C 137 4.40 4.10 18.46
N LYS C 138 4.91 5.31 18.24
CA LYS C 138 6.22 5.72 18.73
C LYS C 138 7.38 5.02 18.03
N LEU C 139 7.14 4.37 16.89
CA LEU C 139 8.17 3.60 16.18
C LEU C 139 8.74 4.38 15.01
N GLY C 140 10.06 4.30 14.85
CA GLY C 140 10.70 4.84 13.67
C GLY C 140 10.72 6.37 13.64
N TYR C 141 11.13 6.89 12.49
CA TYR C 141 11.18 8.34 12.31
C TYR C 141 9.80 8.97 12.44
N LEU C 142 8.74 8.27 12.02
CA LEU C 142 7.39 8.79 12.21
C LEU C 142 7.06 8.88 13.70
N GLY C 143 7.39 7.82 14.44
CA GLY C 143 7.12 7.80 15.87
C GLY C 143 7.91 8.83 16.65
N ARG C 144 9.06 9.24 16.14
CA ARG C 144 9.84 10.31 16.76
C ARG C 144 9.43 11.70 16.30
N GLY C 145 8.40 11.81 15.45
CA GLY C 145 7.96 13.11 14.99
C GLY C 145 8.89 13.78 13.99
N GLU C 146 9.70 13.01 13.27
CA GLU C 146 10.61 13.61 12.30
C GLU C 146 10.00 13.77 10.92
N GLY C 147 8.87 13.13 10.65
CA GLY C 147 8.19 13.28 9.38
C GLY C 147 6.76 12.83 9.51
N ILE C 148 6.01 13.04 8.44
CA ILE C 148 4.62 12.62 8.33
C ILE C 148 4.47 11.89 7.01
N GLU C 149 3.78 10.74 7.04
CA GLU C 149 3.58 9.92 5.86
C GLU C 149 2.10 9.97 5.48
N ALA C 150 1.82 9.84 4.18
CA ALA C 150 0.46 9.65 3.71
C ALA C 150 0.41 8.51 2.71
N GLN C 151 -0.70 7.77 2.73
CA GLN C 151 -0.97 6.71 1.78
C GLN C 151 -2.31 6.97 1.14
N ALA C 152 -2.46 6.55 -0.11
CA ALA C 152 -3.72 6.79 -0.79
C ALA C 152 -4.02 5.65 -1.75
N ALA C 153 -5.30 5.43 -1.98
CA ALA C 153 -5.81 4.52 -2.99
C ALA C 153 -6.90 5.24 -3.77
N ALA C 154 -6.94 5.01 -5.08
CA ALA C 154 -7.94 5.65 -5.92
C ALA C 154 -8.51 4.66 -6.91
N LEU C 155 -9.82 4.73 -7.13
CA LEU C 155 -10.49 3.93 -8.14
C LEU C 155 -11.01 4.86 -9.23
N VAL C 156 -10.67 4.56 -10.49
CA VAL C 156 -11.17 5.33 -11.62
C VAL C 156 -11.82 4.39 -12.61
N VAL C 157 -12.51 4.96 -13.59
CA VAL C 157 -13.16 4.17 -14.64
C VAL C 157 -13.07 4.91 -15.96
N ARG C 158 -12.77 4.18 -17.02
CA ARG C 158 -12.80 4.74 -18.38
C ARG C 158 -14.14 4.46 -19.06
ZN ZN D . 11.77 -9.76 -2.92
O 6ZB E . 12.97 -13.94 -1.45
C 6ZB E . 12.46 -12.92 -1.89
N03 6ZB E . 13.27 -12.21 -2.91
O04 6ZB E . 14.48 -12.76 -3.23
CA 6ZB E . 11.03 -12.38 -1.44
N 6ZB E . 11.05 -10.98 -1.63
CB 6ZB E . 9.97 -13.06 -2.28
CG 6ZB E . 10.19 -14.49 -2.49
CD2 6ZB E . 10.86 -15.11 -3.58
CE2 6ZB E . 10.84 -16.54 -3.32
NE1 6ZB E . 10.19 -16.78 -2.09
CD1 6ZB E . 9.82 -15.53 -1.62
CE3 6ZB E . 11.46 -14.66 -4.74
CZ3 6ZB E . 12.03 -15.58 -5.62
CH2 6ZB E . 12.00 -16.95 -5.37
CZ2 6ZB E . 11.42 -17.44 -4.22
ZN ZN F . -3.85 -1.35 15.89
ZN ZN G . 5.32 15.25 -1.39
#